data_3KZ0
#
_entry.id   3KZ0
#
_cell.length_a   64.325
_cell.length_b   121.523
_cell.length_c   46.379
_cell.angle_alpha   90.00
_cell.angle_beta   90.00
_cell.angle_gamma   90.00
#
_symmetry.space_group_name_H-M   'P 21 21 2'
#
loop_
_entity.id
_entity.type
_entity.pdbx_description
1 polymer 'Induced myeloid leukemia cell differentiation protein Mcl-1'
2 polymer 'Mcl-1 specific peptide MB7'
3 non-polymer 'ZINC ION'
4 non-polymer 'SULFATE ION'
5 water water
#
loop_
_entity_poly.entity_id
_entity_poly.type
_entity_poly.pdbx_seq_one_letter_code
_entity_poly.pdbx_strand_id
1 'polypeptide(L)'
;GSDELYRQSLEIISRYLREQATGAKDTKPMGRSGATSRKALETLRRVGDGVQRNHETAFQGMLRKLDIKNEDDVKSLSRV
MIHVFSDGVTNWGRIVTLISFGAFVAKHLKTINQESCIEPLAESITDVLVRTKRDWLVKQRGWDGFVEFFHVEDLEGG
;
A,B
2 'polypeptide(L)' RPEIWAAQEIRRIGDENNAYYAR C,D
#
loop_
_chem_comp.id
_chem_comp.type
_chem_comp.name
_chem_comp.formula
SO4 non-polymer 'SULFATE ION' 'O4 S -2'
ZN non-polymer 'ZINC ION' 'Zn 2'
#
# COMPACT_ATOMS: atom_id res chain seq x y z
N ASP A 3 -13.79 -13.71 3.14
CA ASP A 3 -12.99 -14.21 4.25
C ASP A 3 -13.17 -13.34 5.48
N GLU A 4 -14.07 -13.75 6.36
CA GLU A 4 -14.35 -12.98 7.56
C GLU A 4 -13.18 -12.97 8.54
N LEU A 5 -12.49 -14.09 8.69
CA LEU A 5 -11.37 -14.19 9.62
C LEU A 5 -10.26 -13.21 9.21
N TYR A 6 -9.96 -13.19 7.91
CA TYR A 6 -8.95 -12.29 7.39
C TYR A 6 -9.34 -10.83 7.62
N ARG A 7 -10.59 -10.50 7.31
CA ARG A 7 -11.08 -9.13 7.45
C ARG A 7 -10.92 -8.66 8.89
N GLN A 8 -11.40 -9.48 9.83
CA GLN A 8 -11.32 -9.15 11.24
C GLN A 8 -9.87 -8.99 11.69
N SER A 9 -9.03 -9.94 11.29
CA SER A 9 -7.61 -9.92 11.67
C SER A 9 -6.92 -8.67 11.16
N LEU A 10 -7.18 -8.34 9.89
CA LEU A 10 -6.58 -7.17 9.25
C LEU A 10 -7.00 -5.87 9.95
N GLU A 11 -8.27 -5.80 10.33
CA GLU A 11 -8.79 -4.63 11.00
C GLU A 11 -8.10 -4.43 12.33
N ILE A 12 -8.10 -5.48 13.15
CA ILE A 12 -7.48 -5.43 14.46
C ILE A 12 -6.01 -5.04 14.36
N ILE A 13 -5.26 -5.79 13.57
CA ILE A 13 -3.82 -5.58 13.43
C ILE A 13 -3.49 -4.20 12.85
N SER A 14 -4.29 -3.74 11.89
CA SER A 14 -4.08 -2.44 11.27
C SER A 14 -4.28 -1.29 12.25
N ARG A 15 -5.36 -1.36 13.01
CA ARG A 15 -5.69 -0.30 13.96
C ARG A 15 -4.62 -0.16 15.03
N TYR A 16 -4.07 -1.29 15.48
CA TYR A 16 -3.02 -1.26 16.50
C TYR A 16 -1.75 -0.63 15.96
N LEU A 17 -1.31 -1.08 14.78
CA LEU A 17 -0.09 -0.55 14.19
C LEU A 17 -0.23 0.95 13.89
N ARG A 18 -1.39 1.35 13.39
CA ARG A 18 -1.64 2.74 13.05
C ARG A 18 -1.59 3.65 14.27
N GLU A 19 -2.24 3.23 15.34
CA GLU A 19 -2.29 4.04 16.56
C GLU A 19 -0.93 4.03 17.27
N GLN A 20 -0.19 2.95 17.11
CA GLN A 20 1.16 2.85 17.67
C GLN A 20 2.10 3.77 16.90
N ALA A 21 1.88 3.86 15.59
CA ALA A 21 2.73 4.67 14.72
C ALA A 21 2.46 6.16 14.92
N THR A 22 1.19 6.54 14.77
CA THR A 22 0.80 7.94 14.96
C THR A 22 0.96 8.35 16.41
N GLY A 23 0.56 7.47 17.32
CA GLY A 23 0.72 7.72 18.75
C GLY A 23 -0.57 8.07 19.46
N ALA A 24 -1.69 7.97 18.73
CA ALA A 24 -2.98 8.31 19.30
C ALA A 24 -4.09 7.37 18.85
N LYS A 25 -5.07 7.17 19.71
CA LYS A 25 -6.26 6.39 19.37
C LYS A 25 -7.28 7.30 18.70
N ASP A 26 -8.11 6.72 17.84
CA ASP A 26 -9.12 7.49 17.11
C ASP A 26 -9.97 8.33 18.05
N GLY A 34 -16.69 -7.14 16.39
CA GLY A 34 -17.17 -5.92 17.00
C GLY A 34 -16.67 -5.76 18.42
N ALA A 35 -17.40 -6.33 19.38
CA ALA A 35 -16.97 -6.35 20.77
C ALA A 35 -15.66 -7.14 20.88
N THR A 36 -15.60 -8.27 20.19
CA THR A 36 -14.40 -9.09 20.17
C THR A 36 -13.22 -8.28 19.64
N SER A 37 -13.44 -7.54 18.56
CA SER A 37 -12.39 -6.74 17.96
C SER A 37 -11.87 -5.69 18.94
N ARG A 38 -12.79 -5.09 19.70
CA ARG A 38 -12.41 -4.07 20.67
C ARG A 38 -11.62 -4.68 21.83
N LYS A 39 -12.06 -5.85 22.31
CA LYS A 39 -11.34 -6.55 23.37
C LYS A 39 -9.96 -7.02 22.91
N ALA A 40 -9.86 -7.42 21.65
CA ALA A 40 -8.58 -7.86 21.10
C ALA A 40 -7.61 -6.70 20.99
N LEU A 41 -8.12 -5.56 20.54
CA LEU A 41 -7.31 -4.34 20.44
C LEU A 41 -6.82 -3.89 21.81
N GLU A 42 -7.69 -4.00 22.81
CA GLU A 42 -7.33 -3.66 24.17
C GLU A 42 -6.26 -4.60 24.71
N THR A 43 -6.44 -5.89 24.46
CA THR A 43 -5.47 -6.90 24.86
C THR A 43 -4.15 -6.63 24.16
N LEU A 44 -4.23 -6.32 22.87
CA LEU A 44 -3.05 -6.06 22.06
C LEU A 44 -2.31 -4.84 22.57
N ARG A 45 -3.06 -3.84 23.02
CA ARG A 45 -2.45 -2.63 23.57
C ARG A 45 -1.70 -2.92 24.85
N ARG A 46 -2.29 -3.75 25.71
CA ARG A 46 -1.69 -4.10 26.98
C ARG A 46 -0.47 -5.01 26.82
N VAL A 47 -0.65 -6.13 26.13
CA VAL A 47 0.44 -7.08 25.95
C VAL A 47 1.51 -6.57 24.98
N GLY A 48 1.07 -6.03 23.85
CA GLY A 48 1.97 -5.55 22.82
C GLY A 48 2.86 -4.39 23.24
N ASP A 49 2.29 -3.45 24.01
CA ASP A 49 3.08 -2.35 24.52
C ASP A 49 4.09 -2.89 25.52
N GLY A 50 3.65 -3.86 26.31
CA GLY A 50 4.52 -4.48 27.30
C GLY A 50 5.70 -5.22 26.69
N VAL A 51 5.46 -5.92 25.59
CA VAL A 51 6.52 -6.63 24.89
C VAL A 51 7.53 -5.64 24.33
N GLN A 52 7.04 -4.55 23.75
CA GLN A 52 7.92 -3.53 23.19
C GLN A 52 8.78 -2.87 24.25
N ARG A 53 8.20 -2.58 25.41
CA ARG A 53 8.96 -1.99 26.50
C ARG A 53 10.02 -2.93 27.09
N ASN A 54 9.62 -4.19 27.32
CA ASN A 54 10.51 -5.19 27.90
C ASN A 54 11.69 -5.59 27.01
N HIS A 55 11.47 -5.56 25.71
CA HIS A 55 12.45 -6.05 24.76
C HIS A 55 12.84 -5.00 23.70
N GLU A 56 12.93 -3.74 24.12
CA GLU A 56 13.23 -2.63 23.20
C GLU A 56 14.61 -2.79 22.57
N THR A 57 15.59 -3.17 23.38
CA THR A 57 16.96 -3.34 22.90
C THR A 57 17.02 -4.37 21.78
N ALA A 58 16.45 -5.54 22.03
CA ALA A 58 16.44 -6.62 21.06
C ALA A 58 15.66 -6.20 19.82
N PHE A 59 14.51 -5.57 20.04
CA PHE A 59 13.69 -5.11 18.93
C PHE A 59 14.48 -4.09 18.11
N GLN A 60 15.17 -3.20 18.80
CA GLN A 60 15.96 -2.17 18.14
C GLN A 60 17.05 -2.82 17.30
N GLY A 61 17.73 -3.79 17.89
CA GLY A 61 18.79 -4.50 17.19
C GLY A 61 18.24 -5.22 15.98
N MET A 62 17.10 -5.88 16.15
CA MET A 62 16.50 -6.61 15.05
C MET A 62 16.18 -5.65 13.93
N LEU A 63 15.63 -4.51 14.31
CA LEU A 63 15.22 -3.50 13.35
C LEU A 63 16.43 -2.96 12.60
N ARG A 64 17.49 -2.68 13.33
CA ARG A 64 18.70 -2.14 12.73
C ARG A 64 19.30 -3.11 11.73
N LYS A 65 19.36 -4.38 12.11
CA LYS A 65 19.90 -5.39 11.22
C LYS A 65 19.03 -5.60 10.00
N LEU A 66 17.71 -5.52 10.19
CA LEU A 66 16.78 -5.66 9.07
C LEU A 66 16.92 -4.49 8.10
N ASP A 67 17.14 -3.30 8.65
CA ASP A 67 17.35 -2.11 7.83
C ASP A 67 16.22 -1.87 6.83
N ILE A 68 14.99 -1.75 7.32
CA ILE A 68 13.86 -1.54 6.42
C ILE A 68 13.88 -0.13 5.84
N LYS A 69 14.03 -0.04 4.53
CA LYS A 69 14.07 1.24 3.83
C LYS A 69 12.75 2.02 3.78
N ASN A 70 11.64 1.31 3.56
CA ASN A 70 10.39 1.96 3.26
C ASN A 70 9.16 1.13 3.60
N GLU A 71 7.99 1.74 3.47
CA GLU A 71 6.73 1.13 3.83
C GLU A 71 6.48 -0.14 3.02
N ASP A 72 6.88 -0.13 1.76
CA ASP A 72 6.63 -1.25 0.87
C ASP A 72 7.69 -2.34 1.00
N ASP A 73 8.72 -2.07 1.80
CA ASP A 73 9.80 -3.03 2.03
C ASP A 73 9.42 -3.98 3.15
N VAL A 74 8.50 -4.89 2.85
CA VAL A 74 8.02 -5.83 3.86
C VAL A 74 8.37 -7.27 3.53
N LYS A 75 9.08 -7.49 2.43
CA LYS A 75 9.41 -8.85 2.00
C LYS A 75 10.34 -9.58 2.96
N SER A 76 11.31 -8.85 3.51
CA SER A 76 12.18 -9.43 4.51
C SER A 76 11.40 -9.78 5.77
N LEU A 77 10.46 -8.91 6.14
CA LEU A 77 9.65 -9.16 7.32
C LEU A 77 8.79 -10.40 7.15
N SER A 78 8.25 -10.58 5.95
CA SER A 78 7.44 -11.75 5.67
C SER A 78 8.25 -13.02 5.81
N ARG A 79 9.48 -12.98 5.33
CA ARG A 79 10.37 -14.13 5.41
C ARG A 79 10.69 -14.47 6.86
N VAL A 80 10.87 -13.43 7.67
CA VAL A 80 11.12 -13.61 9.09
C VAL A 80 9.94 -14.24 9.85
N MET A 81 8.72 -13.79 9.54
CA MET A 81 7.52 -14.32 10.18
C MET A 81 7.29 -15.78 9.78
N ILE A 82 7.51 -16.09 8.51
CA ILE A 82 7.41 -17.46 8.02
C ILE A 82 8.41 -18.36 8.72
N HIS A 83 9.64 -17.87 8.85
CA HIS A 83 10.71 -18.66 9.46
C HIS A 83 10.47 -18.91 10.94
N VAL A 84 9.87 -17.94 11.61
CA VAL A 84 9.55 -18.08 13.03
C VAL A 84 8.78 -19.37 13.30
N PHE A 85 7.83 -19.68 12.41
CA PHE A 85 7.00 -20.86 12.59
C PHE A 85 7.57 -22.09 11.88
N SER A 86 8.74 -21.94 11.27
CA SER A 86 9.31 -23.03 10.46
C SER A 86 9.66 -24.26 11.29
N ASP A 87 9.71 -24.10 12.62
CA ASP A 87 10.00 -25.23 13.51
C ASP A 87 8.75 -26.07 13.80
N GLY A 88 7.60 -25.64 13.30
CA GLY A 88 6.36 -26.36 13.49
C GLY A 88 5.63 -26.00 14.78
N VAL A 89 6.12 -24.99 15.48
CA VAL A 89 5.50 -24.58 16.74
C VAL A 89 4.61 -23.35 16.53
N THR A 90 3.37 -23.44 17.00
CA THR A 90 2.45 -22.32 16.91
C THR A 90 1.78 -22.06 18.25
N ASN A 91 1.85 -20.81 18.70
CA ASN A 91 1.22 -20.40 19.93
C ASN A 91 0.92 -18.90 19.92
N TRP A 92 0.05 -18.46 20.81
CA TRP A 92 -0.35 -17.06 20.89
C TRP A 92 0.82 -16.13 21.24
N GLY A 93 1.71 -16.62 22.09
CA GLY A 93 2.87 -15.85 22.50
C GLY A 93 3.68 -15.36 21.31
N ARG A 94 3.97 -16.25 20.38
CA ARG A 94 4.73 -15.90 19.18
C ARG A 94 3.94 -14.95 18.30
N ILE A 95 2.64 -15.22 18.20
CA ILE A 95 1.75 -14.38 17.38
C ILE A 95 1.71 -12.93 17.87
N VAL A 96 1.54 -12.74 19.17
CA VAL A 96 1.46 -11.40 19.72
C VAL A 96 2.81 -10.68 19.66
N THR A 97 3.90 -11.46 19.74
CA THR A 97 5.24 -10.89 19.67
C THR A 97 5.52 -10.42 18.25
N LEU A 98 5.06 -11.19 17.27
CA LEU A 98 5.16 -10.78 15.87
C LEU A 98 4.43 -9.46 15.64
N ILE A 99 3.20 -9.37 16.14
CA ILE A 99 2.42 -8.17 15.96
C ILE A 99 3.06 -6.99 16.69
N SER A 100 3.61 -7.27 17.87
CA SER A 100 4.29 -6.24 18.65
C SER A 100 5.47 -5.67 17.87
N PHE A 101 6.27 -6.55 17.26
CA PHE A 101 7.39 -6.11 16.47
C PHE A 101 6.92 -5.36 15.23
N GLY A 102 5.77 -5.76 14.70
CA GLY A 102 5.17 -5.06 13.58
C GLY A 102 4.86 -3.61 13.93
N ALA A 103 4.41 -3.39 15.16
CA ALA A 103 4.09 -2.04 15.62
C ALA A 103 5.38 -1.25 15.85
N PHE A 104 6.40 -1.93 16.36
CA PHE A 104 7.70 -1.30 16.58
C PHE A 104 8.26 -0.80 15.25
N VAL A 105 8.12 -1.62 14.22
CA VAL A 105 8.58 -1.24 12.89
C VAL A 105 7.73 -0.11 12.33
N ALA A 106 6.43 -0.14 12.61
CA ALA A 106 5.51 0.86 12.13
C ALA A 106 5.86 2.24 12.68
N LYS A 107 6.34 2.27 13.92
CA LYS A 107 6.76 3.51 14.55
C LYS A 107 7.97 4.09 13.83
N HIS A 108 8.95 3.23 13.58
CA HIS A 108 10.20 3.67 12.96
C HIS A 108 9.96 4.23 11.56
N LEU A 109 9.08 3.58 10.81
CA LEU A 109 8.75 4.08 9.48
C LEU A 109 8.30 5.52 9.60
N LYS A 110 7.53 5.80 10.64
CA LYS A 110 7.07 7.15 10.90
C LYS A 110 8.24 8.06 11.20
N THR A 111 9.24 7.53 11.89
CA THR A 111 10.46 8.28 12.13
C THR A 111 11.06 8.67 10.79
N ILE A 112 11.12 7.71 9.88
CA ILE A 112 11.76 7.93 8.59
C ILE A 112 10.96 8.91 7.75
N ASN A 113 9.64 8.76 7.78
CA ASN A 113 8.74 9.68 7.09
C ASN A 113 7.39 9.76 7.80
N GLN A 114 6.79 10.94 7.77
CA GLN A 114 5.50 11.16 8.43
C GLN A 114 4.35 10.44 7.73
N GLU A 115 4.43 10.31 6.41
CA GLU A 115 3.24 9.97 5.61
C GLU A 115 3.08 8.50 5.18
N SER A 116 3.86 7.60 5.78
CA SER A 116 3.77 6.18 5.39
C SER A 116 2.42 5.55 5.73
N CYS A 117 1.85 4.83 4.77
CA CYS A 117 0.69 3.99 4.99
C CYS A 117 1.15 2.71 5.68
N ILE A 118 0.67 2.45 6.90
CA ILE A 118 1.08 1.25 7.62
C ILE A 118 0.39 -0.01 7.09
N GLU A 119 -0.44 0.17 6.06
CA GLU A 119 -1.24 -0.92 5.51
C GLU A 119 -0.41 -2.10 4.99
N PRO A 120 0.57 -1.83 4.11
CA PRO A 120 1.37 -2.93 3.56
C PRO A 120 1.98 -3.79 4.66
N LEU A 121 2.45 -3.17 5.72
CA LEU A 121 3.03 -3.88 6.85
C LEU A 121 1.97 -4.73 7.54
N ALA A 122 0.79 -4.14 7.74
CA ALA A 122 -0.29 -4.83 8.43
C ALA A 122 -0.80 -6.02 7.63
N GLU A 123 -0.95 -5.81 6.32
CA GLU A 123 -1.44 -6.87 5.45
C GLU A 123 -0.41 -8.00 5.33
N SER A 124 0.86 -7.62 5.38
CA SER A 124 1.95 -8.60 5.32
C SER A 124 1.84 -9.55 6.51
N ILE A 125 1.64 -8.98 7.68
CA ILE A 125 1.53 -9.77 8.90
C ILE A 125 0.26 -10.62 8.89
N THR A 126 -0.84 -10.03 8.44
CA THR A 126 -2.13 -10.70 8.45
C THR A 126 -2.14 -11.89 7.51
N ASP A 127 -1.49 -11.74 6.36
CA ASP A 127 -1.44 -12.81 5.38
C ASP A 127 -0.74 -14.05 5.92
N VAL A 128 0.40 -13.86 6.58
CA VAL A 128 1.10 -14.99 7.17
C VAL A 128 0.21 -15.67 8.23
N LEU A 129 -0.32 -14.90 9.17
CA LEU A 129 -1.15 -15.47 10.22
C LEU A 129 -2.36 -16.21 9.65
N VAL A 130 -3.15 -15.50 8.87
CA VAL A 130 -4.42 -16.05 8.37
C VAL A 130 -4.23 -17.14 7.32
N ARG A 131 -3.30 -16.94 6.39
CA ARG A 131 -3.08 -17.92 5.34
C ARG A 131 -2.43 -19.19 5.87
N THR A 132 -1.35 -19.05 6.63
CA THR A 132 -0.59 -20.21 7.05
C THR A 132 -1.11 -20.89 8.32
N LYS A 133 -1.86 -20.17 9.15
CA LYS A 133 -2.33 -20.75 10.41
C LYS A 133 -3.84 -20.66 10.58
N ARG A 134 -4.56 -20.58 9.46
CA ARG A 134 -6.00 -20.38 9.50
C ARG A 134 -6.73 -21.40 10.36
N ASP A 135 -6.47 -22.68 10.12
CA ASP A 135 -7.16 -23.72 10.86
C ASP A 135 -6.73 -23.79 12.34
N TRP A 136 -5.52 -23.33 12.63
CA TRP A 136 -5.06 -23.22 14.02
C TRP A 136 -5.83 -22.11 14.73
N LEU A 137 -5.96 -20.98 14.04
CA LEU A 137 -6.67 -19.82 14.59
C LEU A 137 -8.13 -20.15 14.89
N VAL A 138 -8.78 -20.84 13.96
CA VAL A 138 -10.19 -21.21 14.12
C VAL A 138 -10.36 -22.17 15.30
N LYS A 139 -9.43 -23.13 15.41
CA LYS A 139 -9.46 -24.11 16.49
C LYS A 139 -9.24 -23.44 17.84
N GLN A 140 -8.46 -22.37 17.85
CA GLN A 140 -8.17 -21.63 19.07
C GLN A 140 -9.27 -20.62 19.42
N ARG A 141 -10.37 -20.65 18.68
CA ARG A 141 -11.49 -19.72 18.88
C ARG A 141 -11.16 -18.30 18.39
N GLY A 142 -10.28 -18.23 17.40
CA GLY A 142 -9.93 -16.96 16.78
C GLY A 142 -9.48 -15.88 17.73
N TRP A 143 -10.00 -14.68 17.53
CA TRP A 143 -9.61 -13.53 18.35
C TRP A 143 -10.23 -13.55 19.74
N ASP A 144 -11.30 -14.33 19.89
CA ASP A 144 -11.87 -14.57 21.21
C ASP A 144 -10.90 -15.42 22.03
N GLY A 145 -10.27 -16.38 21.36
CA GLY A 145 -9.25 -17.21 21.99
C GLY A 145 -8.03 -16.38 22.36
N PHE A 146 -7.67 -15.47 21.47
CA PHE A 146 -6.57 -14.54 21.73
C PHE A 146 -6.81 -13.72 22.99
N VAL A 147 -8.00 -13.14 23.10
CA VAL A 147 -8.34 -12.32 24.24
C VAL A 147 -8.31 -13.12 25.53
N GLU A 148 -8.88 -14.32 25.48
CA GLU A 148 -8.93 -15.18 26.66
C GLU A 148 -7.54 -15.60 27.13
N PHE A 149 -6.67 -15.90 26.18
CA PHE A 149 -5.35 -16.41 26.52
C PHE A 149 -4.54 -15.38 27.30
N PHE A 150 -4.63 -14.12 26.89
CA PHE A 150 -3.85 -13.08 27.53
C PHE A 150 -4.62 -12.36 28.64
N HIS A 151 -5.75 -12.91 29.04
CA HIS A 151 -6.58 -12.28 30.06
C HIS A 151 -5.80 -12.16 31.37
N VAL A 152 -6.15 -11.17 32.17
CA VAL A 152 -5.53 -10.99 33.48
C VAL A 152 -6.58 -10.96 34.58
N ASP B 3 16.78 5.91 -7.25
CA ASP B 3 16.05 6.22 -8.48
C ASP B 3 15.22 7.50 -8.32
N GLU B 4 15.78 8.61 -8.77
CA GLU B 4 15.13 9.91 -8.60
C GLU B 4 13.90 10.06 -9.48
N LEU B 5 14.00 9.58 -10.73
CA LEU B 5 12.88 9.67 -11.66
C LEU B 5 11.64 8.98 -11.13
N TYR B 6 11.81 7.74 -10.66
CA TYR B 6 10.68 6.99 -10.14
C TYR B 6 10.09 7.70 -8.94
N ARG B 7 10.94 8.18 -8.05
CA ARG B 7 10.48 8.85 -6.85
C ARG B 7 9.72 10.13 -7.17
N GLN B 8 10.22 10.90 -8.12
CA GLN B 8 9.55 12.10 -8.57
C GLN B 8 8.20 11.78 -9.22
N SER B 9 8.18 10.76 -10.06
CA SER B 9 6.95 10.36 -10.74
C SER B 9 5.91 9.88 -9.75
N LEU B 10 6.34 9.12 -8.76
CA LEU B 10 5.45 8.62 -7.73
C LEU B 10 4.85 9.73 -6.87
N GLU B 11 5.67 10.72 -6.52
CA GLU B 11 5.22 11.84 -5.71
C GLU B 11 4.15 12.62 -6.46
N ILE B 12 4.41 12.90 -7.73
CA ILE B 12 3.49 13.66 -8.56
C ILE B 12 2.18 12.93 -8.77
N ILE B 13 2.27 11.66 -9.18
CA ILE B 13 1.08 10.88 -9.51
C ILE B 13 0.24 10.58 -8.28
N SER B 14 0.91 10.31 -7.15
CA SER B 14 0.22 9.99 -5.91
C SER B 14 -0.58 11.19 -5.40
N ARG B 15 0.06 12.36 -5.40
CA ARG B 15 -0.57 13.56 -4.92
C ARG B 15 -1.84 13.86 -5.70
N TYR B 16 -1.76 13.71 -7.02
CA TYR B 16 -2.89 14.00 -7.88
C TYR B 16 -4.06 13.07 -7.61
N LEU B 17 -3.78 11.77 -7.53
CA LEU B 17 -4.83 10.79 -7.27
C LEU B 17 -5.44 10.99 -5.89
N ARG B 18 -4.60 11.28 -4.90
CA ARG B 18 -5.08 11.47 -3.54
C ARG B 18 -6.03 12.66 -3.45
N GLU B 19 -5.63 13.78 -4.03
CA GLU B 19 -6.43 15.00 -3.99
C GLU B 19 -7.67 14.90 -4.86
N GLN B 20 -7.61 14.05 -5.88
CA GLN B 20 -8.77 13.80 -6.74
C GLN B 20 -9.74 12.89 -6.03
N ALA B 21 -9.20 11.96 -5.24
CA ALA B 21 -10.02 11.02 -4.49
C ALA B 21 -10.71 11.72 -3.32
N THR B 22 -9.91 12.34 -2.46
CA THR B 22 -10.43 13.04 -1.29
C THR B 22 -11.27 14.23 -1.71
N GLY B 23 -10.77 14.99 -2.68
CA GLY B 23 -11.50 16.12 -3.21
C GLY B 23 -10.86 17.47 -2.94
N ALA B 24 -9.61 17.46 -2.47
CA ALA B 24 -8.94 18.71 -2.11
C ALA B 24 -7.49 18.80 -2.57
N LYS B 25 -7.15 19.88 -3.25
CA LYS B 25 -5.78 20.17 -3.66
C LYS B 25 -4.96 20.50 -2.44
N ASP B 26 -3.67 20.17 -2.48
CA ASP B 26 -2.81 20.49 -1.36
C ASP B 26 -1.60 21.33 -1.73
N ARG B 32 13.55 18.63 -3.64
CA ARG B 32 14.35 19.58 -4.40
C ARG B 32 13.95 19.58 -5.87
N SER B 33 12.95 18.77 -6.18
CA SER B 33 12.40 18.72 -7.53
C SER B 33 11.09 19.49 -7.53
N GLY B 34 10.92 20.29 -6.48
CA GLY B 34 9.64 20.92 -6.16
C GLY B 34 9.01 21.83 -7.18
N ALA B 35 9.81 22.68 -7.81
CA ALA B 35 9.28 23.59 -8.82
C ALA B 35 8.67 22.78 -9.96
N THR B 36 9.40 21.78 -10.42
CA THR B 36 8.93 20.92 -11.51
C THR B 36 7.73 20.10 -11.07
N SER B 37 7.76 19.59 -9.84
CA SER B 37 6.67 18.80 -9.30
C SER B 37 5.40 19.61 -9.13
N ARG B 38 5.54 20.84 -8.62
CA ARG B 38 4.40 21.72 -8.45
C ARG B 38 3.73 21.99 -9.78
N LYS B 39 4.53 22.35 -10.79
CA LYS B 39 3.99 22.66 -12.10
C LYS B 39 3.42 21.44 -12.80
N ALA B 40 4.06 20.29 -12.60
CA ALA B 40 3.56 19.04 -13.17
C ALA B 40 2.21 18.69 -12.55
N LEU B 41 2.10 18.95 -11.25
CA LEU B 41 0.84 18.71 -10.55
C LEU B 41 -0.23 19.67 -11.06
N GLU B 42 0.17 20.92 -11.29
CA GLU B 42 -0.75 21.92 -11.81
C GLU B 42 -1.22 21.54 -13.21
N THR B 43 -0.26 21.18 -14.07
CA THR B 43 -0.58 20.74 -15.42
C THR B 43 -1.51 19.53 -15.37
N LEU B 44 -1.22 18.62 -14.44
CA LEU B 44 -2.00 17.40 -14.29
C LEU B 44 -3.42 17.71 -13.85
N ARG B 45 -3.57 18.73 -12.99
CA ARG B 45 -4.87 19.18 -12.54
C ARG B 45 -5.69 19.75 -13.69
N ARG B 46 -5.04 20.56 -14.52
CA ARG B 46 -5.73 21.23 -15.61
C ARG B 46 -6.10 20.27 -16.75
N VAL B 47 -5.13 19.49 -17.20
CA VAL B 47 -5.36 18.57 -18.31
C VAL B 47 -6.17 17.35 -17.85
N GLY B 48 -5.69 16.70 -16.80
CA GLY B 48 -6.34 15.52 -16.26
C GLY B 48 -7.81 15.71 -15.93
N ASP B 49 -8.15 16.79 -15.25
CA ASP B 49 -9.54 17.08 -14.92
C ASP B 49 -10.38 17.21 -16.19
N GLY B 50 -9.82 17.86 -17.21
CA GLY B 50 -10.50 18.00 -18.48
C GLY B 50 -10.75 16.68 -19.17
N VAL B 51 -9.76 15.79 -19.11
CA VAL B 51 -9.89 14.46 -19.72
C VAL B 51 -11.03 13.69 -19.08
N GLN B 52 -11.12 13.76 -17.75
CA GLN B 52 -12.16 13.07 -17.01
C GLN B 52 -13.56 13.58 -17.32
N ARG B 53 -13.70 14.89 -17.45
CA ARG B 53 -15.00 15.50 -17.73
C ARG B 53 -15.51 15.20 -19.14
N ASN B 54 -14.62 15.32 -20.13
CA ASN B 54 -15.01 15.20 -21.53
C ASN B 54 -15.33 13.76 -21.94
N HIS B 55 -14.79 12.82 -21.18
CA HIS B 55 -14.87 11.41 -21.52
C HIS B 55 -15.35 10.64 -20.30
N GLU B 56 -16.20 11.30 -19.52
CA GLU B 56 -16.73 10.72 -18.30
C GLU B 56 -17.54 9.46 -18.58
N THR B 57 -18.38 9.51 -19.61
CA THR B 57 -19.19 8.36 -19.97
C THR B 57 -18.32 7.14 -20.26
N ALA B 58 -17.33 7.33 -21.12
CA ALA B 58 -16.41 6.26 -21.46
C ALA B 58 -15.70 5.72 -20.22
N PHE B 59 -15.19 6.62 -19.40
CA PHE B 59 -14.51 6.23 -18.17
C PHE B 59 -15.40 5.41 -17.25
N GLN B 60 -16.66 5.84 -17.12
CA GLN B 60 -17.65 5.10 -16.34
C GLN B 60 -17.79 3.68 -16.88
N GLY B 61 -17.95 3.57 -18.18
CA GLY B 61 -18.09 2.28 -18.84
C GLY B 61 -16.89 1.37 -18.62
N MET B 62 -15.69 1.93 -18.80
CA MET B 62 -14.46 1.17 -18.62
C MET B 62 -14.33 0.68 -17.18
N LEU B 63 -14.58 1.58 -16.25
CA LEU B 63 -14.50 1.25 -14.83
C LEU B 63 -15.55 0.20 -14.45
N ARG B 64 -16.73 0.31 -15.05
CA ARG B 64 -17.81 -0.61 -14.78
C ARG B 64 -17.48 -2.01 -15.29
N LYS B 65 -16.91 -2.08 -16.48
CA LYS B 65 -16.56 -3.36 -17.11
C LYS B 65 -15.33 -3.98 -16.47
N LEU B 66 -14.50 -3.17 -15.82
CA LEU B 66 -13.29 -3.65 -15.19
C LEU B 66 -13.55 -4.25 -13.80
N ASP B 67 -14.61 -3.78 -13.15
CA ASP B 67 -15.04 -4.29 -11.85
C ASP B 67 -13.94 -4.32 -10.80
N ILE B 68 -13.35 -3.16 -10.49
CA ILE B 68 -12.29 -3.11 -9.50
C ILE B 68 -12.84 -3.32 -8.09
N LYS B 69 -12.29 -4.30 -7.39
CA LYS B 69 -12.78 -4.70 -6.07
C LYS B 69 -12.45 -3.71 -4.96
N ASN B 70 -11.20 -3.22 -4.96
CA ASN B 70 -10.69 -2.48 -3.82
C ASN B 70 -9.35 -1.82 -4.12
N GLU B 71 -8.65 -1.40 -3.07
CA GLU B 71 -7.40 -0.66 -3.24
C GLU B 71 -6.26 -1.52 -3.78
N ASP B 72 -6.35 -2.83 -3.61
CA ASP B 72 -5.27 -3.72 -4.01
C ASP B 72 -5.53 -4.42 -5.35
N ASP B 73 -6.73 -4.25 -5.88
CA ASP B 73 -7.10 -4.87 -7.16
C ASP B 73 -6.63 -4.01 -8.33
N VAL B 74 -5.34 -4.07 -8.62
CA VAL B 74 -4.75 -3.22 -9.64
C VAL B 74 -4.07 -4.02 -10.76
N LYS B 75 -4.08 -5.34 -10.64
CA LYS B 75 -3.46 -6.19 -11.65
C LYS B 75 -4.11 -5.99 -13.02
N SER B 76 -5.43 -5.85 -13.03
CA SER B 76 -6.15 -5.66 -14.28
C SER B 76 -5.83 -4.30 -14.90
N LEU B 77 -5.61 -3.31 -14.05
CA LEU B 77 -5.28 -1.97 -14.53
C LEU B 77 -3.86 -1.92 -15.10
N SER B 78 -2.95 -2.69 -14.51
CA SER B 78 -1.59 -2.77 -15.00
C SER B 78 -1.56 -3.37 -16.41
N ARG B 79 -2.34 -4.42 -16.61
CA ARG B 79 -2.41 -5.07 -17.92
C ARG B 79 -2.99 -4.11 -18.95
N VAL B 80 -3.96 -3.30 -18.54
CA VAL B 80 -4.56 -2.32 -19.44
C VAL B 80 -3.52 -1.29 -19.90
N MET B 81 -2.77 -0.78 -18.94
CA MET B 81 -1.75 0.22 -19.22
C MET B 81 -0.69 -0.36 -20.15
N ILE B 82 -0.32 -1.60 -19.89
CA ILE B 82 0.63 -2.29 -20.76
C ILE B 82 0.09 -2.52 -22.17
N HIS B 83 -1.20 -2.85 -22.28
CA HIS B 83 -1.80 -3.00 -23.62
C HIS B 83 -1.86 -1.69 -24.39
N VAL B 84 -2.07 -0.58 -23.69
CA VAL B 84 -2.20 0.72 -24.33
C VAL B 84 -0.94 1.01 -25.13
N PHE B 85 0.20 0.64 -24.55
CA PHE B 85 1.48 0.85 -25.20
C PHE B 85 1.96 -0.30 -26.08
N SER B 86 1.17 -1.37 -26.18
CA SER B 86 1.59 -2.59 -26.86
C SER B 86 1.75 -2.41 -28.37
N ASP B 87 1.32 -1.27 -28.89
CA ASP B 87 1.42 -0.99 -30.32
C ASP B 87 2.73 -0.28 -30.66
N GLY B 88 3.58 -0.08 -29.66
CA GLY B 88 4.87 0.56 -29.87
C GLY B 88 4.82 2.08 -29.92
N VAL B 89 3.65 2.65 -29.69
CA VAL B 89 3.50 4.10 -29.68
C VAL B 89 3.55 4.68 -28.26
N THR B 90 4.37 5.72 -28.08
CA THR B 90 4.49 6.38 -26.79
C THR B 90 4.44 7.89 -26.96
N ASN B 91 3.52 8.53 -26.24
CA ASN B 91 3.42 9.99 -26.27
C ASN B 91 2.80 10.53 -24.98
N TRP B 92 2.93 11.83 -24.75
CA TRP B 92 2.44 12.43 -23.51
C TRP B 92 0.93 12.35 -23.38
N GLY B 93 0.24 12.45 -24.52
CA GLY B 93 -1.21 12.38 -24.53
C GLY B 93 -1.73 11.11 -23.88
N ARG B 94 -1.18 9.98 -24.29
CA ARG B 94 -1.54 8.68 -23.74
C ARG B 94 -1.18 8.58 -22.26
N ILE B 95 0.00 9.10 -21.92
CA ILE B 95 0.47 9.07 -20.54
C ILE B 95 -0.46 9.83 -19.60
N VAL B 96 -0.85 11.04 -20.01
CA VAL B 96 -1.71 11.86 -19.15
C VAL B 96 -3.12 11.27 -19.07
N THR B 97 -3.56 10.62 -20.14
CA THR B 97 -4.87 9.98 -20.15
C THR B 97 -4.89 8.78 -19.21
N LEU B 98 -3.76 8.06 -19.14
CA LEU B 98 -3.63 6.93 -18.23
C LEU B 98 -3.73 7.39 -16.79
N ILE B 99 -2.97 8.43 -16.45
CA ILE B 99 -2.98 8.98 -15.11
C ILE B 99 -4.38 9.52 -14.76
N SER B 100 -5.03 10.13 -15.75
CA SER B 100 -6.36 10.70 -15.56
C SER B 100 -7.37 9.62 -15.20
N PHE B 101 -7.32 8.51 -15.94
CA PHE B 101 -8.20 7.38 -15.65
C PHE B 101 -7.86 6.80 -14.29
N GLY B 102 -6.58 6.87 -13.92
CA GLY B 102 -6.13 6.44 -12.60
C GLY B 102 -6.81 7.25 -11.51
N ALA B 103 -6.96 8.56 -11.74
CA ALA B 103 -7.63 9.44 -10.79
C ALA B 103 -9.12 9.12 -10.72
N PHE B 104 -9.71 8.83 -11.88
CA PHE B 104 -11.12 8.49 -11.97
C PHE B 104 -11.41 7.22 -11.19
N VAL B 105 -10.50 6.25 -11.27
CA VAL B 105 -10.63 5.02 -10.50
C VAL B 105 -10.42 5.29 -9.01
N ALA B 106 -9.46 6.15 -8.70
CA ALA B 106 -9.18 6.49 -7.32
C ALA B 106 -10.40 7.07 -6.62
N LYS B 107 -11.17 7.87 -7.37
CA LYS B 107 -12.40 8.46 -6.84
C LYS B 107 -13.42 7.40 -6.48
N HIS B 108 -13.56 6.41 -7.35
CA HIS B 108 -14.55 5.36 -7.15
C HIS B 108 -14.21 4.53 -5.91
N LEU B 109 -12.93 4.27 -5.70
CA LEU B 109 -12.48 3.55 -4.52
C LEU B 109 -12.88 4.31 -3.26
N LYS B 110 -12.75 5.64 -3.32
CA LYS B 110 -13.19 6.47 -2.22
C LYS B 110 -14.70 6.32 -2.03
N THR B 111 -15.40 6.10 -3.14
CA THR B 111 -16.84 5.91 -3.11
C THR B 111 -17.24 4.62 -2.36
N ILE B 112 -16.49 3.55 -2.60
CA ILE B 112 -16.71 2.23 -1.98
C ILE B 112 -16.40 2.22 -0.48
N ASN B 113 -15.21 2.68 -0.16
CA ASN B 113 -14.75 2.82 1.22
C ASN B 113 -13.82 4.02 1.27
N GLN B 114 -14.18 4.97 2.12
CA GLN B 114 -13.54 6.27 2.12
C GLN B 114 -12.20 6.25 2.83
N GLU B 115 -11.75 5.05 3.19
CA GLU B 115 -10.49 4.86 3.91
C GLU B 115 -9.38 4.29 3.05
N SER B 116 -9.62 4.22 1.74
CA SER B 116 -8.68 3.57 0.82
C SER B 116 -7.36 4.31 0.67
N CYS B 117 -6.26 3.56 0.76
CA CYS B 117 -4.94 4.10 0.44
C CYS B 117 -4.78 4.04 -1.08
N ILE B 118 -4.69 5.20 -1.71
CA ILE B 118 -4.57 5.27 -3.17
C ILE B 118 -3.16 4.91 -3.64
N GLU B 119 -2.31 4.53 -2.69
CA GLU B 119 -0.91 4.22 -2.97
C GLU B 119 -0.72 3.07 -3.99
N PRO B 120 -1.33 1.91 -3.72
CA PRO B 120 -1.19 0.77 -4.63
C PRO B 120 -1.51 1.15 -6.07
N LEU B 121 -2.59 1.91 -6.25
CA LEU B 121 -2.99 2.37 -7.57
C LEU B 121 -1.90 3.27 -8.18
N ALA B 122 -1.44 4.23 -7.39
CA ALA B 122 -0.41 5.16 -7.85
C ALA B 122 0.89 4.42 -8.20
N GLU B 123 1.31 3.52 -7.32
CA GLU B 123 2.53 2.74 -7.54
C GLU B 123 2.43 1.89 -8.80
N SER B 124 1.24 1.33 -9.02
CA SER B 124 1.00 0.48 -10.18
C SER B 124 1.24 1.28 -11.46
N ILE B 125 0.67 2.48 -11.50
CA ILE B 125 0.82 3.35 -12.67
C ILE B 125 2.26 3.80 -12.84
N THR B 126 2.92 4.14 -11.74
CA THR B 126 4.29 4.61 -11.77
C THR B 126 5.24 3.52 -12.22
N ASP B 127 4.98 2.29 -11.77
CA ASP B 127 5.79 1.15 -12.18
C ASP B 127 5.81 1.00 -13.69
N VAL B 128 4.62 0.88 -14.29
CA VAL B 128 4.52 0.73 -15.73
C VAL B 128 5.22 1.89 -16.43
N LEU B 129 4.85 3.11 -16.05
CA LEU B 129 5.41 4.29 -16.68
C LEU B 129 6.94 4.29 -16.66
N VAL B 130 7.50 4.26 -15.46
CA VAL B 130 8.94 4.37 -15.29
C VAL B 130 9.71 3.13 -15.76
N ARG B 131 9.21 1.95 -15.42
CA ARG B 131 9.87 0.71 -15.79
C ARG B 131 9.96 0.54 -17.31
N THR B 132 8.84 0.73 -17.99
CA THR B 132 8.73 0.41 -19.40
C THR B 132 9.04 1.60 -20.33
N LYS B 133 9.08 2.80 -19.77
CA LYS B 133 9.28 3.99 -20.58
C LYS B 133 10.40 4.89 -20.05
N ARG B 134 11.28 4.34 -19.23
CA ARG B 134 12.29 5.16 -18.57
C ARG B 134 13.13 6.02 -19.50
N ASP B 135 13.69 5.42 -20.54
CA ASP B 135 14.57 6.14 -21.45
C ASP B 135 13.82 7.13 -22.33
N TRP B 136 12.58 6.80 -22.68
CA TRP B 136 11.74 7.73 -23.43
C TRP B 136 11.45 8.96 -22.58
N LEU B 137 11.12 8.73 -21.31
CA LEU B 137 10.83 9.81 -20.38
C LEU B 137 12.03 10.74 -20.21
N VAL B 138 13.21 10.15 -20.06
CA VAL B 138 14.42 10.94 -19.89
C VAL B 138 14.72 11.75 -21.13
N LYS B 139 14.57 11.12 -22.29
CA LYS B 139 14.79 11.79 -23.58
C LYS B 139 13.81 12.94 -23.76
N GLN B 140 12.59 12.78 -23.24
CA GLN B 140 11.57 13.81 -23.35
C GLN B 140 11.67 14.87 -22.25
N ARG B 141 12.81 14.93 -21.58
CA ARG B 141 13.05 15.92 -20.54
C ARG B 141 12.21 15.69 -19.28
N GLY B 142 11.78 14.45 -19.08
CA GLY B 142 11.04 14.08 -17.89
C GLY B 142 9.82 14.95 -17.64
N TRP B 143 9.57 15.26 -16.36
CA TRP B 143 8.39 16.02 -15.98
C TRP B 143 8.44 17.48 -16.43
N ASP B 144 9.66 17.98 -16.65
CA ASP B 144 9.81 19.31 -17.26
C ASP B 144 9.27 19.28 -18.67
N GLY B 145 9.54 18.20 -19.39
CA GLY B 145 9.03 18.03 -20.74
C GLY B 145 7.53 17.87 -20.74
N PHE B 146 7.01 17.16 -19.76
CA PHE B 146 5.57 16.97 -19.60
C PHE B 146 4.87 18.32 -19.46
N VAL B 147 5.39 19.15 -18.54
CA VAL B 147 4.85 20.48 -18.32
C VAL B 147 4.87 21.31 -19.60
N GLU B 148 6.03 21.32 -20.26
CA GLU B 148 6.19 22.07 -21.50
C GLU B 148 5.20 21.64 -22.58
N PHE B 149 5.03 20.33 -22.72
CA PHE B 149 4.19 19.79 -23.79
C PHE B 149 2.73 20.25 -23.67
N PHE B 150 2.22 20.30 -22.44
CA PHE B 150 0.82 20.66 -22.22
C PHE B 150 0.65 22.13 -21.87
N HIS B 151 1.73 22.91 -22.03
CA HIS B 151 1.70 24.33 -21.68
C HIS B 151 0.77 25.12 -22.59
N VAL B 152 0.02 26.04 -21.98
CA VAL B 152 -0.94 26.87 -22.72
C VAL B 152 -0.49 28.32 -22.76
N ARG C 1 22.74 -14.24 9.93
CA ARG C 1 21.92 -13.48 8.99
C ARG C 1 20.77 -12.81 9.72
N PRO C 2 20.44 -11.57 9.32
CA PRO C 2 19.52 -10.73 10.09
C PRO C 2 18.14 -11.35 10.23
N GLU C 3 17.64 -11.94 9.15
CA GLU C 3 16.31 -12.53 9.14
C GLU C 3 16.23 -13.70 10.12
N ILE C 4 17.22 -14.58 10.08
CA ILE C 4 17.24 -15.72 10.97
C ILE C 4 17.34 -15.25 12.42
N TRP C 5 18.20 -14.29 12.67
CA TRP C 5 18.39 -13.76 14.01
C TRP C 5 17.10 -13.15 14.54
N ALA C 6 16.42 -12.41 13.67
CA ALA C 6 15.14 -11.79 14.03
C ALA C 6 14.12 -12.87 14.39
N ALA C 7 14.06 -13.90 13.56
CA ALA C 7 13.15 -15.02 13.79
C ALA C 7 13.41 -15.68 15.13
N GLN C 8 14.68 -15.87 15.47
CA GLN C 8 15.03 -16.54 16.72
C GLN C 8 14.68 -15.69 17.94
N GLU C 9 14.82 -14.37 17.79
CA GLU C 9 14.48 -13.44 18.85
C GLU C 9 12.97 -13.45 19.09
N ILE C 10 12.21 -13.38 18.01
CA ILE C 10 10.75 -13.40 18.09
C ILE C 10 10.28 -14.73 18.66
N ARG C 11 10.91 -15.81 18.23
CA ARG C 11 10.60 -17.14 18.73
C ARG C 11 10.89 -17.23 20.23
N ARG C 12 11.99 -16.60 20.67
CA ARG C 12 12.35 -16.63 22.08
C ARG C 12 11.43 -15.77 22.94
N ILE C 13 11.13 -14.56 22.48
CA ILE C 13 10.25 -13.67 23.22
C ILE C 13 8.81 -14.19 23.22
N GLY C 14 8.41 -14.78 22.10
CA GLY C 14 7.08 -15.35 21.99
C GLY C 14 6.86 -16.49 22.96
N ASP C 15 7.83 -17.38 23.06
CA ASP C 15 7.71 -18.54 23.95
C ASP C 15 7.72 -18.10 25.41
N GLU C 16 8.51 -17.06 25.70
CA GLU C 16 8.52 -16.47 27.03
C GLU C 16 7.13 -15.98 27.40
N ASN C 17 6.53 -15.22 26.49
CA ASN C 17 5.17 -14.72 26.70
C ASN C 17 4.14 -15.84 26.80
N ASN C 18 4.27 -16.85 25.96
CA ASN C 18 3.33 -17.96 25.95
C ASN C 18 3.35 -18.70 27.27
N ALA C 19 4.55 -18.99 27.76
CA ALA C 19 4.71 -19.68 29.03
C ALA C 19 4.12 -18.84 30.16
N TYR C 20 4.30 -17.53 30.05
CA TYR C 20 3.87 -16.61 31.08
C TYR C 20 2.35 -16.60 31.25
N TYR C 21 1.63 -16.51 30.14
CA TYR C 21 0.17 -16.43 30.19
C TYR C 21 -0.53 -17.77 30.28
N ALA C 22 0.21 -18.84 29.99
CA ALA C 22 -0.33 -20.20 29.98
C ALA C 22 -0.85 -20.62 31.35
N ARG C 23 -0.79 -19.71 32.32
CA ARG C 23 -1.38 -19.90 33.64
C ARG C 23 -0.46 -20.52 34.69
N ARG D 1 -13.35 -8.24 -24.67
CA ARG D 1 -12.83 -8.27 -23.30
C ARG D 1 -12.70 -6.86 -22.76
N PRO D 2 -12.94 -6.70 -21.46
CA PRO D 2 -12.97 -5.38 -20.83
C PRO D 2 -11.63 -4.67 -20.90
N GLU D 3 -10.55 -5.42 -20.74
CA GLU D 3 -9.21 -4.82 -20.75
C GLU D 3 -8.79 -4.28 -22.11
N ILE D 4 -9.21 -4.92 -23.19
CA ILE D 4 -8.88 -4.45 -24.54
C ILE D 4 -9.69 -3.21 -24.87
N TRP D 5 -10.99 -3.23 -24.52
CA TRP D 5 -11.87 -2.10 -24.75
C TRP D 5 -11.33 -0.85 -24.07
N ALA D 6 -10.92 -1.01 -22.82
CA ALA D 6 -10.38 0.10 -22.05
C ALA D 6 -9.11 0.64 -22.70
N ALA D 7 -8.20 -0.26 -23.04
CA ALA D 7 -6.93 0.14 -23.65
C ALA D 7 -7.15 0.92 -24.94
N GLN D 8 -8.08 0.45 -25.76
CA GLN D 8 -8.37 1.09 -27.04
C GLN D 8 -9.00 2.46 -26.84
N GLU D 9 -9.83 2.58 -25.80
CA GLU D 9 -10.46 3.86 -25.48
C GLU D 9 -9.41 4.87 -25.03
N ILE D 10 -8.55 4.44 -24.11
CA ILE D 10 -7.48 5.27 -23.58
C ILE D 10 -6.50 5.69 -24.67
N ARG D 11 -6.09 4.73 -25.49
CA ARG D 11 -5.20 4.98 -26.61
C ARG D 11 -5.81 6.02 -27.53
N ARG D 12 -7.13 5.93 -27.69
CA ARG D 12 -7.89 6.84 -28.53
C ARG D 12 -7.92 8.26 -27.96
N ILE D 13 -8.24 8.36 -26.68
CA ILE D 13 -8.31 9.65 -26.01
C ILE D 13 -6.93 10.28 -25.88
N GLY D 14 -5.93 9.44 -25.62
CA GLY D 14 -4.55 9.88 -25.49
C GLY D 14 -4.02 10.53 -26.75
N ASP D 15 -4.28 9.90 -27.89
CA ASP D 15 -3.82 10.41 -29.17
C ASP D 15 -4.54 11.70 -29.54
N GLU D 16 -5.81 11.78 -29.17
CA GLU D 16 -6.58 13.01 -29.34
C GLU D 16 -5.90 14.14 -28.59
N ASN D 17 -5.58 13.89 -27.32
CA ASN D 17 -4.93 14.89 -26.49
C ASN D 17 -3.53 15.24 -27.00
N ASN D 18 -2.79 14.22 -27.43
CA ASN D 18 -1.45 14.46 -27.94
C ASN D 18 -1.45 15.34 -29.17
N ALA D 19 -2.33 15.02 -30.12
CA ALA D 19 -2.45 15.81 -31.34
C ALA D 19 -2.84 17.25 -31.03
N TYR D 20 -3.76 17.43 -30.10
CA TYR D 20 -4.25 18.75 -29.74
C TYR D 20 -3.21 19.68 -29.13
N TYR D 21 -2.48 19.18 -28.14
CA TYR D 21 -1.46 19.99 -27.47
C TYR D 21 -0.16 20.09 -28.26
N ALA D 22 0.09 19.12 -29.15
CA ALA D 22 1.26 19.16 -30.00
C ALA D 22 1.14 20.25 -31.06
N ARG D 23 0.01 20.95 -31.04
CA ARG D 23 -0.29 21.97 -32.05
C ARG D 23 -0.49 23.34 -31.42
ZN ZN E . 9.16 -10.43 28.11
ZN ZN F . -9.20 -26.27 6.73
ZN ZN G . 2.72 1.54 -0.86
S SO4 H . -14.79 -3.78 27.46
O1 SO4 H . -16.03 -3.24 28.02
O2 SO4 H . -15.06 -4.35 26.14
O3 SO4 H . -13.81 -2.70 27.33
O4 SO4 H . -14.26 -4.81 28.35
ZN ZN I . -11.03 14.68 -25.18
ZN ZN J . 18.56 2.72 -20.83
ZN ZN K . 5.71 26.78 -23.71
ZN ZN L . -3.65 -2.68 0.74
#